data_4ZXL
#
_entry.id   4ZXL
#
_cell.length_a   118.560
_cell.length_b   118.560
_cell.length_c   148.441
_cell.angle_alpha   90.00
_cell.angle_beta   90.00
_cell.angle_gamma   120.00
#
_symmetry.space_group_name_H-M   'P 61'
#
loop_
_entity.id
_entity.type
_entity.pdbx_description
1 polymer 'NAG-PRO-SER-THR-ALA-Thr-O-GlcNAc containing peptide from drosophila HCF'
2 polymer 'O-GlcNAcase NagJ'
3 non-polymer 2-acetamido-2-deoxy-beta-D-glucopyranose
4 non-polymer 'CADMIUM ION'
5 water water
#
loop_
_entity_poly.entity_id
_entity_poly.type
_entity_poly.pdbx_seq_one_letter_code
_entity_poly.pdbx_strand_id
1 'polypeptide(L)' PSTA H
2 'polypeptide(L)'
;NQVLVPNLNPTPENLEVVGDGFKITSSINLVGEEEADENAVNALREFLTANNIEINSENDPNSTTLIIGEVDDDIPELDE
ALNGTTAENLKEEGYALVSNDGKIAIEGKDGDGTFYGVQTFKQLVKESNIPEVNITDYPTVSARGIVEGFYGTPWTHQDR
LDQIKFYGENKLNTYIYAPKDDPYHREKWREPYPESEMQRMQELINASAENKVDFVFGISPGIDIRFDGDAGEEDFNHLI
TKAESLYDMGVRSFAIYWDNIQDKSAAKHAQVLNRFNEEFVKAKGDVKPLITVPTEYDTGAMVSNGQPRAYTRIFAETVD
PSIEVMWTGPGVVTNEIPLSDAQLISGIYDRNMAVWWNYPVTDYFKGKLALGPMHGLDKGLNQYVDFFTVNPMEHAELSK
ISIHTAADYSWNMDNYDYDKAWNRAIDMLYGDLAEDMKVFANHSTRMDNKTWAKSGREDAPELRAKMDELWNKLSSKEDA
SALIEELYGEFARMEEACNNLKANLPEVALEECSRQLDELITLAQGDKASLDMIVAQLNEDTEAYESAKEIAQNKLNTAL
SSFAVISEKVAQSFIQEAL
;
A
#
loop_
_chem_comp.id
_chem_comp.type
_chem_comp.name
_chem_comp.formula
CD non-polymer 'CADMIUM ION' 'Cd 2'
NAG D-saccharide, beta linking 2-acetamido-2-deoxy-beta-D-glucopyranose 'C8 H15 N O6'
#
# COMPACT_ATOMS: atom_id res chain seq x y z
N PRO A 1 2.92 -21.15 -9.07
CA PRO A 1 2.17 -19.90 -8.92
C PRO A 1 2.55 -19.12 -7.65
N SER A 2 3.70 -19.46 -7.06
CA SER A 2 4.21 -18.79 -5.85
C SER A 2 5.68 -19.01 -5.57
N THR A 3 6.14 -18.49 -4.44
CA THR A 3 7.53 -18.66 -4.00
C THR A 3 7.67 -19.92 -3.13
N ALA A 4 8.35 -20.93 -3.68
CA ALA A 4 8.60 -22.23 -3.02
C ALA A 4 7.75 -22.54 -1.79
N ASN B 1 -20.79 26.13 12.60
CA ASN B 1 -19.97 27.34 12.91
C ASN B 1 -18.50 27.17 12.51
N GLN B 2 -17.81 26.19 13.11
CA GLN B 2 -16.40 25.94 12.84
C GLN B 2 -16.20 24.81 11.85
N VAL B 3 -15.18 24.92 11.01
CA VAL B 3 -14.83 23.89 10.04
C VAL B 3 -13.82 22.93 10.65
N LEU B 4 -14.24 21.68 10.86
CA LEU B 4 -13.36 20.64 11.39
C LEU B 4 -12.36 20.18 10.34
N VAL B 5 -11.25 19.61 10.80
CA VAL B 5 -10.26 19.01 9.92
C VAL B 5 -10.72 17.60 9.55
N PRO B 6 -10.91 17.33 8.24
CA PRO B 6 -11.36 16.01 7.80
C PRO B 6 -10.26 14.95 7.89
N ASN B 7 -10.61 13.69 7.62
CA ASN B 7 -9.63 12.62 7.50
C ASN B 7 -8.52 13.00 6.53
N LEU B 8 -7.28 12.76 6.94
CA LEU B 8 -6.13 13.05 6.10
C LEU B 8 -5.26 11.82 5.95
N ASN B 9 -4.74 11.62 4.75
CA ASN B 9 -3.78 10.54 4.50
C ASN B 9 -2.72 10.92 3.49
N PRO B 10 -1.43 10.80 3.88
CA PRO B 10 -0.97 10.37 5.20
C PRO B 10 -1.18 11.43 6.26
N THR B 11 -0.95 11.06 7.53
CA THR B 11 -1.02 12.01 8.64
C THR B 11 0.11 13.03 8.53
N PRO B 12 -0.25 14.33 8.41
CA PRO B 12 0.77 15.38 8.31
C PRO B 12 1.59 15.47 9.59
N GLU B 13 2.90 15.69 9.47
CA GLU B 13 3.80 15.73 10.61
C GLU B 13 3.38 16.76 11.67
N ASN B 14 3.10 17.98 11.22
CA ASN B 14 2.72 19.07 12.13
C ASN B 14 1.49 19.79 11.62
N LEU B 15 0.47 19.89 12.47
CA LEU B 15 -0.75 20.58 12.11
C LEU B 15 -1.30 21.32 13.33
N GLU B 16 -1.46 22.63 13.18
CA GLU B 16 -2.05 23.46 14.23
C GLU B 16 -3.29 24.12 13.65
N VAL B 17 -4.42 24.02 14.36
CA VAL B 17 -5.65 24.75 13.96
C VAL B 17 -5.51 26.19 14.45
N VAL B 18 -5.49 27.14 13.52
CA VAL B 18 -5.23 28.54 13.86
C VAL B 18 -6.46 29.45 13.76
N GLY B 19 -7.59 28.89 13.34
CA GLY B 19 -8.84 29.65 13.25
C GLY B 19 -10.08 28.79 13.13
N ASP B 20 -11.20 29.44 12.82
CA ASP B 20 -12.51 28.77 12.71
C ASP B 20 -12.72 28.06 11.38
N GLY B 21 -11.94 28.43 10.38
CA GLY B 21 -12.13 27.95 9.01
C GLY B 21 -12.97 28.93 8.22
N PHE B 22 -12.94 28.84 6.89
CA PHE B 22 -13.75 29.70 6.06
C PHE B 22 -14.23 29.00 4.79
N LYS B 23 -15.20 29.60 4.11
CA LYS B 23 -15.69 29.10 2.84
C LYS B 23 -14.95 29.78 1.70
N ILE B 24 -14.34 28.97 0.84
CA ILE B 24 -13.73 29.44 -0.39
C ILE B 24 -14.81 30.00 -1.33
N THR B 25 -14.54 31.16 -1.91
CA THR B 25 -15.51 31.84 -2.78
C THR B 25 -15.66 31.15 -4.13
N SER B 26 -16.69 31.54 -4.89
CA SER B 26 -16.99 31.00 -6.23
C SER B 26 -15.78 30.92 -7.15
N SER B 27 -15.04 32.01 -7.22
CA SER B 27 -13.79 32.03 -7.96
C SER B 27 -12.66 32.49 -7.06
N ILE B 28 -11.44 32.10 -7.39
CA ILE B 28 -10.29 32.43 -6.58
C ILE B 28 -9.23 33.21 -7.36
N ASN B 29 -8.39 33.95 -6.64
CA ASN B 29 -7.20 34.55 -7.23
C ASN B 29 -6.06 33.54 -7.17
N LEU B 30 -5.41 33.32 -8.31
CA LEU B 30 -4.32 32.34 -8.36
C LEU B 30 -2.98 33.02 -8.57
N VAL B 31 -2.08 32.83 -7.60
CA VAL B 31 -0.78 33.50 -7.61
C VAL B 31 0.37 32.50 -7.54
N GLY B 32 1.33 32.66 -8.46
CA GLY B 32 2.56 31.88 -8.46
C GLY B 32 2.59 30.72 -9.43
N GLU B 33 1.50 30.56 -10.20
CA GLU B 33 1.31 29.40 -11.08
C GLU B 33 2.24 29.35 -12.29
N GLU B 34 2.84 30.48 -12.66
CA GLU B 34 3.78 30.53 -13.79
C GLU B 34 5.14 29.95 -13.43
N GLU B 35 5.53 30.09 -12.16
CA GLU B 35 6.85 29.64 -11.69
C GLU B 35 6.79 28.34 -10.88
N ALA B 36 5.59 28.01 -10.39
CA ALA B 36 5.39 26.81 -9.57
C ALA B 36 5.46 25.55 -10.41
N ASP B 37 5.53 24.41 -9.74
CA ASP B 37 5.65 23.10 -10.38
C ASP B 37 4.50 22.85 -11.36
N GLU B 38 4.86 22.49 -12.60
CA GLU B 38 3.91 22.26 -13.67
C GLU B 38 2.82 21.24 -13.27
N ASN B 39 3.24 20.12 -12.66
CA ASN B 39 2.32 19.05 -12.26
C ASN B 39 1.42 19.41 -11.08
N ALA B 40 1.97 20.13 -10.12
CA ALA B 40 1.20 20.60 -8.96
C ALA B 40 0.08 21.54 -9.39
N VAL B 41 0.38 22.45 -10.31
CA VAL B 41 -0.62 23.40 -10.82
C VAL B 41 -1.74 22.65 -11.53
N ASN B 42 -1.37 21.71 -12.39
CA ASN B 42 -2.35 20.87 -13.09
C ASN B 42 -3.28 20.11 -12.13
N ALA B 43 -2.71 19.51 -11.09
CA ALA B 43 -3.50 18.81 -10.08
C ALA B 43 -4.47 19.75 -9.36
N LEU B 44 -4.01 20.99 -9.14
CA LEU B 44 -4.84 22.02 -8.52
C LEU B 44 -5.93 22.49 -9.47
N ARG B 45 -5.60 22.64 -10.75
CA ARG B 45 -6.57 23.06 -11.77
C ARG B 45 -7.71 22.06 -11.92
N GLU B 46 -7.37 20.77 -11.97
CA GLU B 46 -8.35 19.69 -12.10
C GLU B 46 -9.32 19.67 -10.93
N PHE B 47 -8.78 19.78 -9.71
CA PHE B 47 -9.59 19.80 -8.51
C PHE B 47 -10.60 20.95 -8.52
N LEU B 48 -10.14 22.12 -8.96
CA LEU B 48 -10.99 23.31 -9.01
C LEU B 48 -12.11 23.20 -10.04
N THR B 49 -11.78 22.66 -11.22
CA THR B 49 -12.78 22.41 -12.25
C THR B 49 -13.86 21.45 -11.77
N ALA B 50 -13.44 20.34 -11.15
CA ALA B 50 -14.35 19.33 -10.61
C ALA B 50 -15.28 19.93 -9.57
N ASN B 51 -14.75 20.85 -8.77
CA ASN B 51 -15.49 21.47 -7.68
C ASN B 51 -16.08 22.85 -8.04
N ASN B 52 -16.17 23.13 -9.34
CA ASN B 52 -16.84 24.33 -9.87
C ASN B 52 -16.29 25.66 -9.36
N ILE B 53 -14.97 25.71 -9.13
CA ILE B 53 -14.30 26.93 -8.69
C ILE B 53 -13.47 27.52 -9.84
N GLU B 54 -13.90 28.66 -10.35
CA GLU B 54 -13.22 29.33 -11.46
C GLU B 54 -11.97 30.09 -10.98
N ILE B 55 -11.13 30.50 -11.93
CA ILE B 55 -9.96 31.33 -11.64
C ILE B 55 -10.12 32.70 -12.29
N ASN B 56 -9.89 33.74 -11.52
CA ASN B 56 -10.02 35.13 -11.98
C ASN B 56 -8.94 35.52 -13.00
N SER B 57 -9.28 36.40 -13.94
CA SER B 57 -8.31 36.95 -14.90
C SER B 57 -7.49 38.04 -14.21
N GLU B 58 -8.17 39.10 -13.78
CA GLU B 58 -7.54 40.14 -12.97
C GLU B 58 -7.93 39.93 -11.51
N ASN B 59 -7.05 40.38 -10.61
CA ASN B 59 -7.21 40.20 -9.17
C ASN B 59 -8.53 40.75 -8.63
N ASP B 60 -9.14 40.00 -7.73
CA ASP B 60 -10.37 40.41 -7.04
C ASP B 60 -10.14 40.37 -5.52
N PRO B 61 -10.16 41.55 -4.88
CA PRO B 61 -9.94 41.65 -3.42
C PRO B 61 -10.99 40.92 -2.57
N ASN B 62 -12.18 40.69 -3.13
CA ASN B 62 -13.24 39.95 -2.43
C ASN B 62 -13.14 38.43 -2.52
N SER B 63 -12.40 37.95 -3.51
CA SER B 63 -12.23 36.51 -3.73
C SER B 63 -11.13 35.93 -2.84
N THR B 64 -11.27 34.64 -2.52
CA THR B 64 -10.22 33.87 -1.85
C THR B 64 -8.97 33.91 -2.72
N THR B 65 -7.81 34.02 -2.08
CA THR B 65 -6.53 34.04 -2.79
C THR B 65 -5.75 32.77 -2.47
N LEU B 66 -5.18 32.15 -3.50
CA LEU B 66 -4.33 30.98 -3.34
C LEU B 66 -2.95 31.24 -3.91
N ILE B 67 -1.93 31.11 -3.06
CA ILE B 67 -0.53 31.30 -3.49
C ILE B 67 0.25 29.99 -3.41
N ILE B 68 1.00 29.70 -4.46
CA ILE B 68 1.69 28.44 -4.61
C ILE B 68 3.06 28.64 -5.26
N GLY B 69 4.05 27.84 -4.83
CA GLY B 69 5.39 27.91 -5.39
C GLY B 69 6.41 27.12 -4.58
N GLU B 70 7.60 26.93 -5.15
CA GLU B 70 8.70 26.29 -4.45
C GLU B 70 9.50 27.32 -3.63
N VAL B 71 10.29 26.83 -2.68
CA VAL B 71 11.23 27.68 -1.95
C VAL B 71 12.10 28.47 -2.93
N ASP B 72 12.63 27.77 -3.94
CA ASP B 72 13.54 28.36 -4.91
C ASP B 72 12.84 29.19 -6.00
N ASP B 73 11.59 29.53 -5.76
CA ASP B 73 10.92 30.56 -6.55
C ASP B 73 11.01 31.88 -5.81
N ASP B 74 11.39 32.94 -6.53
CA ASP B 74 11.35 34.28 -5.95
C ASP B 74 9.94 34.80 -6.07
N ILE B 75 9.13 34.45 -5.07
CA ILE B 75 7.78 34.99 -4.96
C ILE B 75 7.58 35.49 -3.52
N PRO B 76 7.69 36.82 -3.35
CA PRO B 76 7.56 37.48 -2.05
C PRO B 76 6.14 37.43 -1.49
N GLU B 77 5.13 37.48 -2.37
CA GLU B 77 3.73 37.39 -1.93
C GLU B 77 3.44 36.06 -1.24
N LEU B 78 4.25 35.04 -1.55
CA LEU B 78 4.14 33.72 -0.92
C LEU B 78 4.67 33.70 0.50
N ASP B 79 5.94 34.07 0.67
CA ASP B 79 6.55 34.20 2.00
C ASP B 79 5.68 35.07 2.93
N GLU B 80 5.07 36.11 2.35
CA GLU B 80 4.15 37.01 3.05
C GLU B 80 2.93 36.27 3.62
N ALA B 81 2.40 35.30 2.87
CA ALA B 81 1.20 34.57 3.29
C ALA B 81 1.47 33.39 4.23
N LEU B 82 2.74 32.98 4.32
CA LEU B 82 3.10 31.85 5.17
C LEU B 82 3.20 32.18 6.66
N ASN B 83 3.16 33.47 7.00
CA ASN B 83 3.05 33.89 8.39
C ASN B 83 4.20 33.40 9.29
N GLY B 84 5.41 33.43 8.77
CA GLY B 84 6.58 32.97 9.53
C GLY B 84 6.87 31.49 9.41
N THR B 85 5.97 30.75 8.76
CA THR B 85 6.19 29.33 8.47
C THR B 85 7.09 29.23 7.24
N THR B 86 7.93 28.20 7.17
CA THR B 86 8.81 27.99 6.01
C THR B 86 8.99 26.53 5.64
N ALA B 87 9.24 26.29 4.35
CA ALA B 87 9.57 24.95 3.86
C ALA B 87 11.08 24.81 3.70
N GLU B 88 11.77 25.96 3.77
CA GLU B 88 13.21 26.03 3.58
C GLU B 88 13.98 24.99 4.38
N ASN B 89 13.59 24.78 5.63
CA ASN B 89 14.34 23.91 6.54
C ASN B 89 13.90 22.44 6.54
N LEU B 90 13.00 22.08 5.63
CA LEU B 90 12.45 20.71 5.54
C LEU B 90 13.22 19.84 4.55
N LYS B 91 13.20 18.52 4.76
CA LYS B 91 13.86 17.59 3.83
C LYS B 91 13.11 17.51 2.49
N GLU B 92 13.74 16.90 1.48
CA GLU B 92 13.14 16.84 0.15
C GLU B 92 11.74 16.19 0.17
N GLU B 93 10.83 16.74 -0.64
CA GLU B 93 9.40 16.36 -0.67
C GLU B 93 8.56 17.01 0.43
N GLY B 94 9.21 17.80 1.29
CA GLY B 94 8.52 18.53 2.34
C GLY B 94 7.77 19.73 1.80
N TYR B 95 6.81 20.23 2.59
CA TYR B 95 6.06 21.42 2.20
C TYR B 95 5.51 22.13 3.43
N ALA B 96 5.11 23.38 3.23
CA ALA B 96 4.36 24.12 4.22
C ALA B 96 3.03 24.52 3.61
N LEU B 97 1.98 24.49 4.42
CA LEU B 97 0.65 24.90 4.02
C LEU B 97 0.07 25.74 5.14
N VAL B 98 -0.34 26.96 4.80
CA VAL B 98 -1.01 27.85 5.75
C VAL B 98 -2.31 28.29 5.11
N SER B 99 -3.40 28.20 5.87
CA SER B 99 -4.68 28.78 5.45
C SER B 99 -5.32 29.58 6.59
N ASN B 100 -5.34 30.90 6.45
CA ASN B 100 -5.94 31.79 7.45
C ASN B 100 -6.45 33.07 6.79
N ASP B 101 -7.56 33.57 7.30
CA ASP B 101 -8.11 34.88 6.92
C ASP B 101 -8.22 35.08 5.39
N GLY B 102 -8.83 34.11 4.72
CA GLY B 102 -9.12 34.21 3.28
C GLY B 102 -7.98 33.90 2.33
N LYS B 103 -6.85 33.46 2.88
CA LYS B 103 -5.67 33.12 2.07
C LYS B 103 -5.23 31.67 2.29
N ILE B 104 -4.79 31.03 1.21
CA ILE B 104 -4.18 29.71 1.28
C ILE B 104 -2.82 29.77 0.59
N ALA B 105 -1.78 29.32 1.30
CA ALA B 105 -0.43 29.37 0.78
C ALA B 105 0.24 28.00 0.85
N ILE B 106 0.80 27.58 -0.28
CA ILE B 106 1.50 26.30 -0.35
C ILE B 106 2.92 26.55 -0.84
N GLU B 107 3.91 26.25 0.01
CA GLU B 107 5.31 26.32 -0.40
C GLU B 107 5.94 24.96 -0.22
N GLY B 108 6.42 24.39 -1.31
CA GLY B 108 7.10 23.11 -1.25
C GLY B 108 8.60 23.30 -1.18
N LYS B 109 9.29 22.35 -0.55
CA LYS B 109 10.74 22.31 -0.54
C LYS B 109 11.29 22.14 -1.95
N ASP B 110 10.56 21.40 -2.77
CA ASP B 110 10.86 21.23 -4.19
C ASP B 110 9.55 21.05 -4.92
N GLY B 111 9.61 20.65 -6.19
CA GLY B 111 8.41 20.37 -6.97
C GLY B 111 7.56 19.25 -6.41
N ASP B 112 8.19 18.12 -6.12
CA ASP B 112 7.52 16.98 -5.51
C ASP B 112 6.72 17.45 -4.30
N GLY B 113 7.36 18.25 -3.44
CA GLY B 113 6.74 18.77 -2.22
C GLY B 113 5.56 19.70 -2.46
N THR B 114 5.62 20.50 -3.51
CA THR B 114 4.53 21.40 -3.85
C THR B 114 3.31 20.58 -4.28
N PHE B 115 3.56 19.55 -5.09
CA PHE B 115 2.53 18.60 -5.52
C PHE B 115 1.82 18.01 -4.31
N TYR B 116 2.61 17.50 -3.35
CA TYR B 116 2.07 16.89 -2.15
C TYR B 116 1.29 17.88 -1.28
N GLY B 117 1.75 19.12 -1.26
CA GLY B 117 1.02 20.20 -0.58
C GLY B 117 -0.35 20.45 -1.19
N VAL B 118 -0.47 20.25 -2.50
CA VAL B 118 -1.76 20.35 -3.18
C VAL B 118 -2.65 19.15 -2.84
N GLN B 119 -2.04 17.97 -2.72
CA GLN B 119 -2.81 16.78 -2.35
C GLN B 119 -3.47 16.96 -0.99
N THR B 120 -2.73 17.50 -0.03
CA THR B 120 -3.28 17.78 1.30
C THR B 120 -4.38 18.83 1.21
N PHE B 121 -4.15 19.87 0.42
CA PHE B 121 -5.17 20.86 0.12
C PHE B 121 -6.47 20.19 -0.34
N LYS B 122 -6.35 19.30 -1.33
CA LYS B 122 -7.50 18.54 -1.86
C LYS B 122 -8.29 17.82 -0.78
N GLN B 123 -7.58 17.18 0.15
CA GLN B 123 -8.20 16.43 1.24
C GLN B 123 -8.86 17.32 2.30
N LEU B 124 -8.34 18.53 2.46
CA LEU B 124 -8.86 19.49 3.47
C LEU B 124 -10.19 20.14 3.09
N VAL B 125 -10.41 20.36 1.80
CA VAL B 125 -11.62 21.03 1.32
C VAL B 125 -12.83 20.08 1.25
N LYS B 126 -13.93 20.50 1.87
CA LYS B 126 -15.21 19.79 1.79
C LYS B 126 -16.33 20.79 1.56
N GLU B 127 -17.02 20.68 0.44
CA GLU B 127 -18.14 21.56 0.08
C GLU B 127 -17.73 23.04 0.09
N SER B 128 -16.55 23.32 -0.44
CA SER B 128 -15.93 24.66 -0.47
C SER B 128 -15.45 25.19 0.89
N ASN B 129 -15.69 24.43 1.95
CA ASN B 129 -15.20 24.80 3.28
C ASN B 129 -13.82 24.23 3.52
N ILE B 130 -12.97 25.05 4.15
CA ILE B 130 -11.60 24.66 4.51
C ILE B 130 -11.29 25.10 5.95
N PRO B 131 -10.59 24.25 6.72
CA PRO B 131 -10.21 24.71 8.05
C PRO B 131 -9.02 25.65 8.00
N GLU B 132 -8.92 26.55 8.98
CA GLU B 132 -7.78 27.44 9.11
C GLU B 132 -6.65 26.74 9.87
N VAL B 133 -5.58 26.38 9.15
CA VAL B 133 -4.50 25.56 9.71
C VAL B 133 -3.11 26.09 9.35
N ASN B 134 -2.11 25.74 10.17
CA ASN B 134 -0.69 25.92 9.83
C ASN B 134 -0.02 24.55 9.84
N ILE B 135 0.46 24.12 8.67
CA ILE B 135 1.05 22.80 8.47
C ILE B 135 2.47 22.90 7.95
N THR B 136 3.36 22.08 8.51
CA THR B 136 4.63 21.71 7.88
C THR B 136 4.70 20.18 7.86
N ASP B 137 5.16 19.63 6.74
CA ASP B 137 5.05 18.18 6.51
C ASP B 137 6.20 17.66 5.66
N TYR B 138 6.60 16.41 5.92
CA TYR B 138 7.73 15.74 5.25
C TYR B 138 7.67 14.22 5.52
N PRO B 139 8.18 13.41 4.58
CA PRO B 139 8.16 11.95 4.75
C PRO B 139 9.25 11.43 5.69
N THR B 140 8.96 10.34 6.39
CA THR B 140 9.96 9.64 7.19
C THR B 140 10.90 8.87 6.27
N VAL B 141 10.34 8.14 5.31
CA VAL B 141 11.09 7.35 4.34
C VAL B 141 11.03 8.06 2.98
N SER B 142 12.17 8.21 2.32
CA SER B 142 12.22 8.99 1.08
C SER B 142 11.62 8.25 -0.13
N ALA B 143 11.64 6.92 -0.11
CA ALA B 143 11.04 6.12 -1.19
C ALA B 143 9.88 5.26 -0.67
N ARG B 144 8.68 5.54 -1.16
CA ARG B 144 7.45 4.89 -0.68
C ARG B 144 6.56 4.50 -1.86
N GLY B 145 6.14 3.24 -1.90
CA GLY B 145 5.27 2.79 -2.98
C GLY B 145 5.07 1.31 -3.14
N ILE B 146 4.97 0.88 -4.39
CA ILE B 146 4.47 -0.45 -4.74
C ILE B 146 5.39 -1.17 -5.71
N VAL B 147 5.67 -2.43 -5.40
CA VAL B 147 6.30 -3.33 -6.36
C VAL B 147 5.25 -4.33 -6.88
N GLU B 148 4.86 -4.17 -8.14
CA GLU B 148 4.03 -5.16 -8.81
C GLU B 148 4.96 -6.30 -9.20
N GLY B 149 5.12 -7.26 -8.30
CA GLY B 149 6.04 -8.38 -8.51
C GLY B 149 5.49 -9.74 -8.13
N PHE B 150 4.16 -9.87 -8.17
CA PHE B 150 3.50 -11.10 -7.78
C PHE B 150 3.39 -12.06 -8.95
N TYR B 151 3.15 -13.33 -8.65
CA TYR B 151 2.78 -14.33 -9.64
C TYR B 151 1.28 -14.27 -9.88
N GLY B 152 0.86 -14.64 -11.08
CA GLY B 152 -0.56 -14.62 -11.43
C GLY B 152 -0.85 -13.57 -12.48
N THR B 153 -2.14 -13.32 -12.71
CA THR B 153 -2.61 -12.38 -13.72
C THR B 153 -2.10 -10.97 -13.43
N PRO B 154 -1.20 -10.44 -14.30
CA PRO B 154 -0.70 -9.08 -14.12
C PRO B 154 -1.83 -8.08 -14.27
N TRP B 155 -1.68 -6.92 -13.62
CA TRP B 155 -2.66 -5.85 -13.70
C TRP B 155 -2.85 -5.39 -15.12
N THR B 156 -4.08 -5.04 -15.47
CA THR B 156 -4.36 -4.49 -16.80
C THR B 156 -3.77 -3.09 -16.93
N HIS B 157 -3.69 -2.61 -18.17
CA HIS B 157 -3.23 -1.26 -18.43
C HIS B 157 -4.09 -0.24 -17.73
N GLN B 158 -5.39 -0.45 -17.77
CA GLN B 158 -6.34 0.43 -17.10
C GLN B 158 -6.17 0.39 -15.57
N ASP B 159 -5.82 -0.79 -15.04
CA ASP B 159 -5.60 -0.98 -13.59
C ASP B 159 -4.47 -0.08 -13.10
N ARG B 160 -3.38 -0.06 -13.87
CA ARG B 160 -2.15 0.64 -13.49
C ARG B 160 -2.27 2.16 -13.50
N LEU B 161 -2.97 2.70 -14.51
CA LEU B 161 -3.18 4.15 -14.62
C LEU B 161 -3.98 4.68 -13.43
N ASP B 162 -4.97 3.88 -13.01
CA ASP B 162 -5.81 4.22 -11.88
C ASP B 162 -5.02 4.13 -10.57
N GLN B 163 -4.13 3.15 -10.47
CA GLN B 163 -3.27 3.00 -9.31
C GLN B 163 -2.34 4.21 -9.18
N ILE B 164 -1.76 4.64 -10.28
CA ILE B 164 -0.80 5.75 -10.27
C ILE B 164 -1.42 7.06 -9.79
N LYS B 165 -2.64 7.37 -10.26
CA LYS B 165 -3.43 8.48 -9.71
C LYS B 165 -3.64 8.33 -8.20
N PHE B 166 -3.88 7.10 -7.78
CA PHE B 166 -4.11 6.80 -6.36
C PHE B 166 -2.84 7.00 -5.51
N TYR B 167 -1.69 6.65 -6.06
CA TYR B 167 -0.42 6.83 -5.36
C TYR B 167 -0.13 8.33 -5.15
N GLY B 168 -0.22 9.09 -6.24
CA GLY B 168 -0.07 10.54 -6.21
C GLY B 168 -0.86 11.20 -5.10
N GLU B 169 -2.14 10.84 -4.99
CA GLU B 169 -3.04 11.42 -4.01
C GLU B 169 -2.68 11.07 -2.56
N ASN B 170 -1.98 9.96 -2.37
CA ASN B 170 -1.60 9.50 -1.04
C ASN B 170 -0.10 9.62 -0.79
N LYS B 171 0.57 10.38 -1.66
CA LYS B 171 1.99 10.75 -1.51
C LYS B 171 2.96 9.55 -1.57
N LEU B 172 2.60 8.54 -2.33
CA LEU B 172 3.53 7.45 -2.64
C LEU B 172 4.26 7.82 -3.92
N ASN B 173 5.57 7.64 -3.93
CA ASN B 173 6.40 8.16 -5.03
C ASN B 173 7.15 7.10 -5.83
N THR B 174 6.80 5.84 -5.63
CA THR B 174 7.49 4.74 -6.30
C THR B 174 6.53 3.65 -6.77
N TYR B 175 6.66 3.27 -8.04
CA TYR B 175 5.96 2.11 -8.58
C TYR B 175 6.94 1.27 -9.38
N ILE B 176 7.12 0.02 -8.97
CA ILE B 176 8.05 -0.87 -9.64
C ILE B 176 7.33 -1.87 -10.53
N TYR B 177 7.51 -1.73 -11.83
CA TYR B 177 6.96 -2.66 -12.81
C TYR B 177 7.84 -3.91 -12.87
N ALA B 178 7.38 -4.99 -12.24
CA ALA B 178 8.11 -6.25 -12.23
C ALA B 178 7.20 -7.50 -12.16
N PRO B 179 6.10 -7.53 -12.95
CA PRO B 179 5.17 -8.65 -12.80
C PRO B 179 5.81 -9.95 -13.28
N LYS B 180 5.75 -10.97 -12.42
CA LYS B 180 6.45 -12.24 -12.67
C LYS B 180 6.00 -12.92 -13.96
N ASP B 181 4.69 -12.89 -14.20
CA ASP B 181 4.12 -13.62 -15.33
C ASP B 181 4.01 -12.78 -16.60
N ASP B 182 4.70 -11.64 -16.64
CA ASP B 182 4.88 -10.94 -17.90
C ASP B 182 6.09 -11.57 -18.59
N PRO B 183 5.87 -12.18 -19.78
CA PRO B 183 6.97 -12.87 -20.46
C PRO B 183 8.18 -11.97 -20.73
N TYR B 184 7.94 -10.72 -21.16
CA TYR B 184 9.03 -9.81 -21.53
C TYR B 184 9.80 -9.28 -20.33
N HIS B 185 9.28 -9.52 -19.13
CA HIS B 185 9.97 -9.14 -17.90
C HIS B 185 10.90 -10.21 -17.41
N ARG B 186 10.45 -11.47 -17.46
CA ARG B 186 11.17 -12.59 -16.84
C ARG B 186 11.48 -13.75 -17.80
N GLU B 187 10.44 -14.46 -18.22
CA GLU B 187 10.58 -15.68 -19.04
C GLU B 187 11.38 -15.43 -20.33
N LYS B 188 11.07 -14.34 -21.02
CA LYS B 188 11.74 -13.99 -22.28
C LYS B 188 12.28 -12.56 -22.23
N TRP B 189 13.13 -12.30 -21.23
CA TRP B 189 13.59 -10.95 -20.90
C TRP B 189 14.40 -10.26 -21.96
N ARG B 190 15.08 -11.05 -22.80
CA ARG B 190 15.90 -10.51 -23.89
C ARG B 190 15.10 -9.86 -25.00
N GLU B 191 13.85 -10.29 -25.15
CA GLU B 191 13.03 -9.85 -26.29
C GLU B 191 12.41 -8.48 -26.06
N PRO B 192 12.54 -7.58 -27.07
CA PRO B 192 11.93 -6.25 -26.98
C PRO B 192 10.42 -6.31 -26.90
N TYR B 193 9.81 -5.31 -26.28
CA TYR B 193 8.36 -5.17 -26.28
C TYR B 193 7.86 -4.86 -27.69
N PRO B 194 6.70 -5.40 -28.08
CA PRO B 194 6.06 -5.03 -29.34
C PRO B 194 5.63 -3.56 -29.31
N GLU B 195 5.45 -2.95 -30.48
CA GLU B 195 5.21 -1.50 -30.56
C GLU B 195 4.01 -1.02 -29.74
N SER B 196 2.93 -1.81 -29.74
CA SER B 196 1.73 -1.44 -29.01
C SER B 196 1.89 -1.57 -27.50
N GLU B 197 2.79 -2.45 -27.07
CA GLU B 197 3.18 -2.55 -25.66
C GLU B 197 4.01 -1.35 -25.24
N MET B 198 4.89 -0.88 -26.14
CA MET B 198 5.68 0.31 -25.89
C MET B 198 4.81 1.57 -25.77
N GLN B 199 3.76 1.64 -26.58
CA GLN B 199 2.79 2.74 -26.48
C GLN B 199 2.03 2.75 -25.15
N ARG B 200 1.71 1.56 -24.64
CA ARG B 200 1.09 1.45 -23.31
C ARG B 200 2.09 1.89 -22.23
N MET B 201 3.35 1.47 -22.36
CA MET B 201 4.43 1.90 -21.46
C MET B 201 4.51 3.43 -21.42
N GLN B 202 4.54 4.04 -22.60
CA GLN B 202 4.59 5.49 -22.73
C GLN B 202 3.51 6.19 -21.92
N GLU B 203 2.28 5.67 -21.98
CA GLU B 203 1.15 6.24 -21.23
C GLU B 203 1.37 6.15 -19.72
N LEU B 204 1.98 5.05 -19.29
CA LEU B 204 2.29 4.80 -17.88
C LEU B 204 3.35 5.75 -17.35
N ILE B 205 4.42 5.92 -18.13
CA ILE B 205 5.52 6.80 -17.78
C ILE B 205 5.02 8.26 -17.66
N ASN B 206 4.22 8.68 -18.64
CA ASN B 206 3.61 10.00 -18.61
C ASN B 206 2.77 10.22 -17.36
N ALA B 207 1.88 9.27 -17.06
CA ALA B 207 0.99 9.37 -15.91
C ALA B 207 1.77 9.35 -14.59
N SER B 208 2.87 8.60 -14.58
CA SER B 208 3.75 8.55 -13.42
C SER B 208 4.33 9.93 -13.16
N ALA B 209 4.86 10.55 -14.21
CA ALA B 209 5.44 11.88 -14.12
C ALA B 209 4.40 12.90 -13.69
N GLU B 210 3.21 12.82 -14.28
CA GLU B 210 2.08 13.70 -13.90
C GLU B 210 1.73 13.59 -12.41
N ASN B 211 2.03 12.45 -11.78
CA ASN B 211 1.68 12.22 -10.39
C ASN B 211 2.87 12.11 -9.44
N LYS B 212 4.06 12.49 -9.93
CA LYS B 212 5.31 12.52 -9.16
C LYS B 212 5.73 11.14 -8.68
N VAL B 213 5.37 10.13 -9.47
CA VAL B 213 5.71 8.75 -9.17
C VAL B 213 6.95 8.36 -9.96
N ASP B 214 7.94 7.81 -9.26
CA ASP B 214 9.12 7.30 -9.92
C ASP B 214 8.81 5.92 -10.47
N PHE B 215 8.63 5.86 -11.78
CA PHE B 215 8.38 4.61 -12.47
C PHE B 215 9.70 3.86 -12.56
N VAL B 216 9.77 2.74 -11.85
CA VAL B 216 10.94 1.89 -11.89
C VAL B 216 10.70 0.76 -12.88
N PHE B 217 11.51 0.69 -13.92
CA PHE B 217 11.42 -0.44 -14.84
C PHE B 217 12.27 -1.62 -14.36
N GLY B 218 11.60 -2.73 -14.05
CA GLY B 218 12.29 -3.93 -13.57
C GLY B 218 12.52 -4.97 -14.64
N ILE B 219 13.57 -5.78 -14.44
CA ILE B 219 13.88 -6.90 -15.32
C ILE B 219 14.50 -8.05 -14.51
N SER B 220 14.01 -9.28 -14.73
CA SER B 220 14.47 -10.47 -14.00
C SER B 220 15.14 -11.46 -14.95
N PRO B 221 16.47 -11.30 -15.17
CA PRO B 221 17.17 -12.14 -16.14
C PRO B 221 17.76 -13.43 -15.55
N GLY B 222 17.53 -13.67 -14.26
CA GLY B 222 18.24 -14.72 -13.52
C GLY B 222 17.97 -16.18 -13.87
N ILE B 223 17.04 -16.42 -14.80
CA ILE B 223 16.70 -17.78 -15.19
C ILE B 223 17.77 -18.36 -16.13
N ASP B 224 18.21 -17.59 -17.10
CA ASP B 224 19.05 -18.13 -18.18
C ASP B 224 20.16 -17.19 -18.67
N ILE B 225 20.51 -16.20 -17.86
CA ILE B 225 21.56 -15.25 -18.25
C ILE B 225 22.96 -15.86 -18.16
N ARG B 226 23.74 -15.70 -19.22
CA ARG B 226 25.13 -16.15 -19.25
C ARG B 226 26.06 -15.02 -18.78
N PHE B 227 27.14 -15.39 -18.09
CA PHE B 227 28.02 -14.42 -17.43
C PHE B 227 29.41 -14.25 -18.06
N ASP B 228 30.03 -15.35 -18.45
CA ASP B 228 31.40 -15.34 -18.97
C ASP B 228 31.46 -15.17 -20.50
N GLY B 229 32.61 -14.73 -21.00
CA GLY B 229 32.92 -14.72 -22.43
C GLY B 229 32.05 -13.87 -23.33
N ASP B 230 32.10 -14.16 -24.63
CA ASP B 230 31.30 -13.45 -25.64
C ASP B 230 29.79 -13.52 -25.34
N ALA B 231 29.35 -14.61 -24.72
CA ALA B 231 27.94 -14.79 -24.34
C ALA B 231 27.54 -13.84 -23.23
N GLY B 232 28.40 -13.69 -22.24
CA GLY B 232 28.19 -12.73 -21.14
C GLY B 232 28.10 -11.30 -21.64
N GLU B 233 28.94 -10.96 -22.62
CA GLU B 233 28.89 -9.65 -23.29
C GLU B 233 27.55 -9.41 -23.98
N GLU B 234 27.14 -10.36 -24.82
CA GLU B 234 25.88 -10.29 -25.55
C GLU B 234 24.71 -10.15 -24.58
N ASP B 235 24.70 -11.00 -23.55
CA ASP B 235 23.64 -10.98 -22.54
C ASP B 235 23.61 -9.68 -21.74
N PHE B 236 24.78 -9.12 -21.44
CA PHE B 236 24.82 -7.82 -20.77
C PHE B 236 24.28 -6.72 -21.69
N ASN B 237 24.73 -6.73 -22.95
CA ASN B 237 24.22 -5.79 -23.95
C ASN B 237 22.69 -5.88 -24.17
N HIS B 238 22.10 -7.04 -23.88
CA HIS B 238 20.64 -7.19 -23.93
C HIS B 238 19.98 -6.40 -22.81
N LEU B 239 20.61 -6.33 -21.65
CA LEU B 239 20.12 -5.50 -20.55
C LEU B 239 20.16 -4.03 -20.93
N ILE B 240 21.28 -3.61 -21.52
CA ILE B 240 21.48 -2.22 -21.92
C ILE B 240 20.43 -1.79 -22.95
N THR B 241 20.25 -2.61 -23.98
CA THR B 241 19.28 -2.34 -25.04
C THR B 241 17.87 -2.20 -24.46
N LYS B 242 17.48 -3.17 -23.65
CA LYS B 242 16.17 -3.17 -23.01
C LYS B 242 15.96 -1.92 -22.13
N ALA B 243 16.95 -1.62 -21.28
CA ALA B 243 16.91 -0.42 -20.41
C ALA B 243 16.96 0.89 -21.20
N GLU B 244 17.71 0.89 -22.31
CA GLU B 244 17.80 2.04 -23.21
C GLU B 244 16.46 2.41 -23.85
N SER B 245 15.77 1.41 -24.39
CA SER B 245 14.49 1.64 -25.08
C SER B 245 13.44 2.21 -24.13
N LEU B 246 13.61 1.96 -22.84
CA LEU B 246 12.74 2.54 -21.82
C LEU B 246 13.23 3.88 -21.29
N TYR B 247 14.55 4.05 -21.25
CA TYR B 247 15.13 5.36 -20.95
C TYR B 247 14.62 6.35 -21.99
N ASP B 248 14.62 5.93 -23.25
CA ASP B 248 14.24 6.79 -24.37
C ASP B 248 12.75 7.16 -24.39
N MET B 249 11.98 6.59 -23.47
CA MET B 249 10.58 7.00 -23.30
C MET B 249 10.41 7.87 -22.06
N GLY B 250 11.43 7.89 -21.20
CA GLY B 250 11.45 8.77 -20.03
C GLY B 250 11.59 8.08 -18.68
N VAL B 251 11.97 6.81 -18.69
CA VAL B 251 12.18 6.09 -17.44
C VAL B 251 13.51 6.52 -16.84
N ARG B 252 13.51 6.83 -15.54
CA ARG B 252 14.73 7.26 -14.86
C ARG B 252 15.06 6.42 -13.63
N SER B 253 14.32 5.34 -13.43
CA SER B 253 14.62 4.37 -12.37
C SER B 253 14.56 2.96 -12.93
N PHE B 254 15.48 2.12 -12.47
CA PHE B 254 15.63 0.78 -13.02
C PHE B 254 15.93 -0.24 -11.91
N ALA B 255 15.43 -1.45 -12.09
CA ALA B 255 15.67 -2.54 -11.14
C ALA B 255 16.10 -3.79 -11.88
N ILE B 256 16.99 -4.55 -11.25
CA ILE B 256 17.43 -5.85 -11.79
C ILE B 256 17.30 -6.89 -10.67
N TYR B 257 16.45 -7.89 -10.88
CA TYR B 257 16.09 -8.86 -9.85
C TYR B 257 16.66 -10.26 -10.06
N TRP B 258 16.97 -10.92 -8.94
CA TRP B 258 17.56 -12.25 -8.91
C TRP B 258 16.80 -13.19 -8.02
N ASP B 259 15.57 -12.82 -7.65
CA ASP B 259 14.77 -13.63 -6.72
C ASP B 259 14.17 -14.87 -7.39
N ASN B 260 14.08 -15.95 -6.61
CA ASN B 260 13.45 -17.21 -7.04
C ASN B 260 14.08 -17.86 -8.27
N ILE B 261 15.40 -18.05 -8.23
CA ILE B 261 16.11 -18.67 -9.36
C ILE B 261 17.04 -19.79 -8.87
N GLN B 262 17.48 -20.64 -9.80
CA GLN B 262 18.38 -21.75 -9.48
C GLN B 262 19.80 -21.24 -9.27
N ASP B 263 20.28 -20.45 -10.22
CA ASP B 263 21.66 -19.96 -10.21
C ASP B 263 21.93 -19.07 -8.99
N LYS B 264 22.85 -19.52 -8.16
CA LYS B 264 23.25 -18.75 -6.98
C LYS B 264 24.71 -18.29 -7.05
N SER B 265 25.09 -17.73 -8.20
CA SER B 265 26.44 -17.22 -8.43
C SER B 265 26.55 -15.76 -7.96
N ALA B 266 26.69 -15.60 -6.64
CA ALA B 266 26.67 -14.29 -5.98
C ALA B 266 27.61 -13.24 -6.57
N ALA B 267 28.85 -13.64 -6.83
CA ALA B 267 29.86 -12.76 -7.40
C ALA B 267 29.39 -12.19 -8.74
N LYS B 268 28.96 -13.08 -9.64
CA LYS B 268 28.56 -12.69 -10.98
C LYS B 268 27.26 -11.89 -11.02
N HIS B 269 26.40 -12.10 -10.04
CA HIS B 269 25.17 -11.32 -9.86
C HIS B 269 25.47 -9.87 -9.62
N ALA B 270 26.33 -9.62 -8.62
CA ALA B 270 26.75 -8.27 -8.27
C ALA B 270 27.67 -7.66 -9.33
N GLN B 271 28.55 -8.47 -9.93
CA GLN B 271 29.42 -8.02 -11.01
C GLN B 271 28.61 -7.44 -12.18
N VAL B 272 27.39 -7.94 -12.36
CA VAL B 272 26.47 -7.46 -13.39
C VAL B 272 25.81 -6.14 -12.96
N LEU B 273 25.35 -6.10 -11.71
CA LEU B 273 24.74 -4.89 -11.15
C LEU B 273 25.71 -3.71 -11.19
N ASN B 274 26.94 -3.94 -10.76
CA ASN B 274 27.99 -2.92 -10.74
C ASN B 274 28.31 -2.37 -12.13
N ARG B 275 28.41 -3.25 -13.11
CA ARG B 275 28.74 -2.83 -14.47
C ARG B 275 27.62 -2.01 -15.09
N PHE B 276 26.39 -2.39 -14.77
CA PHE B 276 25.20 -1.64 -15.19
C PHE B 276 25.15 -0.29 -14.48
N ASN B 277 25.51 -0.29 -13.20
CA ASN B 277 25.58 0.93 -12.41
C ASN B 277 26.62 1.90 -12.98
N GLU B 278 27.74 1.37 -13.48
CA GLU B 278 28.78 2.20 -14.08
C GLU B 278 28.42 2.63 -15.50
N GLU B 279 28.17 1.67 -16.38
CA GLU B 279 27.99 1.96 -17.82
C GLU B 279 26.63 2.56 -18.18
N PHE B 280 25.67 2.46 -17.26
CA PHE B 280 24.33 2.97 -17.54
C PHE B 280 23.85 4.03 -16.55
N VAL B 281 23.75 3.67 -15.27
CA VAL B 281 23.16 4.54 -14.27
C VAL B 281 23.98 5.83 -14.07
N LYS B 282 25.27 5.66 -13.79
CA LYS B 282 26.16 6.81 -13.59
C LYS B 282 26.40 7.55 -14.91
N ALA B 283 26.59 6.82 -16.00
CA ALA B 283 26.86 7.42 -17.31
C ALA B 283 25.77 8.38 -17.77
N LYS B 284 24.52 8.05 -17.44
CA LYS B 284 23.38 8.85 -17.87
C LYS B 284 23.23 10.14 -17.07
N GLY B 285 23.63 10.11 -15.81
CA GLY B 285 23.70 11.30 -14.98
C GLY B 285 22.41 11.73 -14.31
N ASP B 286 21.27 11.30 -14.85
CA ASP B 286 19.95 11.68 -14.33
C ASP B 286 19.09 10.46 -13.95
N VAL B 287 19.75 9.33 -13.75
CA VAL B 287 19.10 8.08 -13.37
C VAL B 287 19.27 7.87 -11.87
N LYS B 288 18.17 7.54 -11.21
CA LYS B 288 18.15 7.26 -9.77
C LYS B 288 18.97 6.00 -9.43
N PRO B 289 19.29 5.78 -8.14
CA PRO B 289 20.09 4.60 -7.81
C PRO B 289 19.42 3.28 -8.26
N LEU B 290 20.27 2.35 -8.70
CA LEU B 290 19.86 1.03 -9.14
C LEU B 290 19.28 0.22 -7.99
N ILE B 291 18.14 -0.42 -8.24
CA ILE B 291 17.46 -1.23 -7.24
C ILE B 291 17.65 -2.71 -7.58
N THR B 292 17.80 -3.55 -6.55
CA THR B 292 17.94 -5.00 -6.75
C THR B 292 17.32 -5.81 -5.62
N VAL B 293 17.20 -7.12 -5.86
CA VAL B 293 16.90 -8.10 -4.82
C VAL B 293 17.82 -9.31 -5.07
N PRO B 294 18.51 -9.78 -4.03
CA PRO B 294 19.39 -10.95 -4.18
C PRO B 294 18.60 -12.26 -4.19
N THR B 295 19.24 -13.34 -4.63
CA THR B 295 18.58 -14.66 -4.64
C THR B 295 18.23 -15.13 -3.22
N GLU B 296 19.05 -14.73 -2.25
CA GLU B 296 18.71 -14.84 -0.83
C GLU B 296 18.17 -13.48 -0.35
N TYR B 297 16.89 -13.44 0.00
CA TYR B 297 16.22 -12.17 0.24
C TYR B 297 15.35 -12.12 1.51
N ASP B 298 15.33 -13.21 2.26
CA ASP B 298 14.70 -13.20 3.58
C ASP B 298 15.71 -13.66 4.62
N THR B 299 15.62 -13.10 5.83
CA THR B 299 16.63 -13.31 6.87
C THR B 299 16.94 -14.80 7.09
N GLY B 300 15.90 -15.63 7.11
CA GLY B 300 16.06 -17.09 7.22
C GLY B 300 16.95 -17.66 6.12
N ALA B 301 16.73 -17.22 4.88
CA ALA B 301 17.50 -17.68 3.73
C ALA B 301 18.87 -16.99 3.62
N MET B 302 19.02 -15.85 4.29
CA MET B 302 20.23 -15.03 4.20
C MET B 302 21.24 -15.33 5.32
N VAL B 303 20.73 -15.46 6.54
CA VAL B 303 21.55 -15.58 7.75
C VAL B 303 21.51 -17.00 8.33
N SER B 304 22.64 -17.44 8.87
CA SER B 304 22.75 -18.73 9.55
C SER B 304 23.53 -18.60 10.88
N ASN B 305 22.82 -18.83 11.98
CA ASN B 305 23.37 -18.70 13.34
C ASN B 305 24.11 -17.36 13.57
N GLY B 306 23.46 -16.27 13.21
CA GLY B 306 24.00 -14.91 13.38
C GLY B 306 24.88 -14.41 12.25
N GLN B 307 25.40 -15.35 11.45
CA GLN B 307 26.35 -15.05 10.37
C GLN B 307 25.73 -15.26 8.99
N PRO B 308 26.07 -14.38 8.02
CA PRO B 308 25.48 -14.49 6.67
C PRO B 308 25.94 -15.75 5.93
N ARG B 309 25.07 -16.28 5.09
CA ARG B 309 25.42 -17.45 4.28
C ARG B 309 26.36 -17.07 3.14
N ALA B 310 26.97 -18.08 2.52
CA ALA B 310 27.97 -17.88 1.46
C ALA B 310 27.49 -16.90 0.39
N TYR B 311 26.26 -17.08 -0.09
CA TYR B 311 25.71 -16.20 -1.11
C TYR B 311 25.61 -14.74 -0.63
N THR B 312 24.94 -14.53 0.49
CA THR B 312 24.73 -13.21 1.05
C THR B 312 26.06 -12.49 1.32
N ARG B 313 27.01 -13.19 1.95
CA ARG B 313 28.31 -12.62 2.31
C ARG B 313 29.11 -12.16 1.09
N ILE B 314 29.13 -12.97 0.03
CA ILE B 314 29.84 -12.59 -1.20
C ILE B 314 29.07 -11.50 -1.96
N PHE B 315 27.74 -11.52 -1.88
CA PHE B 315 26.92 -10.51 -2.54
C PHE B 315 27.15 -9.12 -1.95
N ALA B 316 27.14 -9.02 -0.62
CA ALA B 316 27.40 -7.75 0.06
C ALA B 316 28.84 -7.24 -0.14
N GLU B 317 29.80 -8.17 -0.14
CA GLU B 317 31.22 -7.86 -0.34
C GLU B 317 31.49 -7.23 -1.70
N THR B 318 30.63 -7.51 -2.68
CA THR B 318 30.87 -7.13 -4.08
C THR B 318 30.00 -5.97 -4.55
N VAL B 319 28.75 -5.91 -4.09
CA VAL B 319 27.79 -4.94 -4.62
C VAL B 319 28.06 -3.51 -4.15
N ASP B 320 28.12 -2.59 -5.11
CA ASP B 320 28.42 -1.18 -4.88
C ASP B 320 27.51 -0.56 -3.83
N PRO B 321 28.08 0.24 -2.90
CA PRO B 321 27.32 0.87 -1.82
C PRO B 321 26.12 1.72 -2.25
N SER B 322 26.15 2.25 -3.46
CA SER B 322 25.07 3.12 -3.95
C SER B 322 23.80 2.37 -4.38
N ILE B 323 23.93 1.07 -4.64
CA ILE B 323 22.82 0.22 -5.11
C ILE B 323 21.84 -0.11 -3.98
N GLU B 324 20.56 0.13 -4.23
CA GLU B 324 19.51 -0.21 -3.27
C GLU B 324 19.30 -1.71 -3.24
N VAL B 325 19.36 -2.31 -2.05
CA VAL B 325 19.18 -3.75 -1.91
C VAL B 325 17.90 -4.01 -1.13
N MET B 326 17.05 -4.87 -1.69
CA MET B 326 15.76 -5.19 -1.09
C MET B 326 15.79 -6.51 -0.33
N TRP B 327 15.01 -6.58 0.73
CA TRP B 327 14.78 -7.84 1.46
C TRP B 327 13.39 -7.82 2.04
N THR B 328 12.86 -9.00 2.38
CA THR B 328 11.44 -9.12 2.75
C THR B 328 11.15 -9.16 4.25
N GLY B 329 12.20 -9.32 5.06
CA GLY B 329 12.07 -9.48 6.50
C GLY B 329 12.58 -10.84 6.95
N PRO B 330 12.18 -11.29 8.16
CA PRO B 330 12.56 -12.60 8.71
C PRO B 330 12.16 -13.80 7.82
N GLY B 331 11.06 -13.66 7.09
CA GLY B 331 10.63 -14.66 6.12
C GLY B 331 10.11 -13.99 4.86
N VAL B 332 9.84 -14.78 3.83
CA VAL B 332 9.23 -14.31 2.58
C VAL B 332 7.91 -13.61 2.90
N VAL B 333 7.09 -14.27 3.71
CA VAL B 333 5.82 -13.74 4.23
C VAL B 333 5.85 -14.01 5.72
N THR B 334 5.95 -12.95 6.52
CA THR B 334 6.23 -13.09 7.95
C THR B 334 5.39 -12.13 8.79
N ASN B 335 5.21 -12.46 10.07
CA ASN B 335 4.42 -11.63 11.00
C ASN B 335 4.96 -10.23 11.18
N GLU B 336 6.27 -10.15 11.42
CA GLU B 336 6.91 -8.91 11.86
C GLU B 336 8.18 -8.60 11.06
N ILE B 337 8.55 -7.32 11.04
CA ILE B 337 9.95 -6.94 10.87
C ILE B 337 10.32 -6.13 12.11
N PRO B 338 10.84 -6.82 13.15
CA PRO B 338 11.28 -6.15 14.37
C PRO B 338 12.52 -5.31 14.09
N LEU B 339 12.72 -4.28 14.91
CA LEU B 339 13.88 -3.38 14.73
C LEU B 339 15.20 -4.14 14.63
N SER B 340 15.37 -5.16 15.47
CA SER B 340 16.59 -5.97 15.51
C SER B 340 16.90 -6.70 14.19
N ASP B 341 15.86 -7.09 13.46
CA ASP B 341 16.02 -7.77 12.17
C ASP B 341 16.59 -6.84 11.09
N ALA B 342 16.11 -5.60 11.05
CA ALA B 342 16.64 -4.59 10.14
C ALA B 342 18.08 -4.22 10.47
N GLN B 343 18.39 -4.19 11.78
CA GLN B 343 19.73 -3.90 12.27
C GLN B 343 20.75 -4.93 11.74
N LEU B 344 20.38 -6.20 11.80
CA LEU B 344 21.23 -7.29 11.35
C LEU B 344 21.52 -7.23 9.85
N ILE B 345 20.47 -7.14 9.05
CA ILE B 345 20.58 -7.15 7.58
C ILE B 345 21.28 -5.88 7.09
N SER B 346 20.88 -4.74 7.65
CA SER B 346 21.54 -3.47 7.36
C SER B 346 23.01 -3.50 7.76
N GLY B 347 23.31 -4.25 8.83
CA GLY B 347 24.69 -4.47 9.27
C GLY B 347 25.52 -5.20 8.24
N ILE B 348 25.03 -6.35 7.80
CA ILE B 348 25.68 -7.17 6.77
C ILE B 348 25.93 -6.38 5.47
N TYR B 349 24.98 -5.55 5.08
CA TYR B 349 25.12 -4.76 3.85
C TYR B 349 25.76 -3.38 4.02
N ASP B 350 26.08 -3.01 5.27
CA ASP B 350 26.65 -1.69 5.61
C ASP B 350 25.96 -0.55 4.81
N ARG B 351 24.63 -0.54 4.86
CA ARG B 351 23.83 0.46 4.14
C ARG B 351 22.41 0.53 4.68
N ASN B 352 21.66 1.52 4.22
CA ASN B 352 20.23 1.56 4.45
C ASN B 352 19.51 0.62 3.49
N MET B 353 18.69 -0.25 4.06
CA MET B 353 18.05 -1.31 3.29
C MET B 353 16.77 -0.85 2.61
N ALA B 354 16.29 -1.67 1.67
CA ALA B 354 14.97 -1.48 1.07
C ALA B 354 14.08 -2.69 1.42
N VAL B 355 12.80 -2.42 1.67
CA VAL B 355 11.88 -3.47 2.07
C VAL B 355 10.94 -3.86 0.93
N TRP B 356 10.96 -5.14 0.60
CA TRP B 356 9.94 -5.75 -0.25
C TRP B 356 8.97 -6.41 0.69
N TRP B 357 7.87 -5.74 0.98
CA TRP B 357 6.90 -6.26 1.94
C TRP B 357 5.82 -7.04 1.24
N ASN B 358 5.76 -8.34 1.51
CA ASN B 358 4.82 -9.24 0.88
C ASN B 358 3.47 -9.31 1.58
N TYR B 359 2.74 -8.21 1.46
CA TYR B 359 1.39 -8.05 1.95
C TYR B 359 0.92 -6.73 1.32
N PRO B 360 -0.29 -6.70 0.74
CA PRO B 360 -1.37 -7.69 0.76
C PRO B 360 -1.35 -8.78 -0.33
N VAL B 361 -0.21 -9.00 -1.00
CA VAL B 361 -0.13 -10.05 -2.03
C VAL B 361 -0.76 -11.37 -1.56
N THR B 362 -1.53 -12.01 -2.45
CA THR B 362 -2.24 -13.27 -2.12
C THR B 362 -1.97 -14.41 -3.09
N ASP B 363 -0.93 -14.28 -3.91
CA ASP B 363 -0.68 -15.27 -4.98
C ASP B 363 -0.45 -16.70 -4.45
N TYR B 364 -0.05 -16.81 -3.19
CA TYR B 364 0.23 -18.09 -2.51
C TYR B 364 -1.01 -18.68 -1.82
N PHE B 365 -2.12 -17.95 -1.88
CA PHE B 365 -3.36 -18.34 -1.20
C PHE B 365 -4.51 -17.54 -1.78
N LYS B 366 -4.79 -17.78 -3.06
CA LYS B 366 -5.66 -16.92 -3.88
C LYS B 366 -7.13 -16.88 -3.46
N GLY B 367 -7.53 -17.77 -2.56
CA GLY B 367 -8.90 -17.82 -2.08
C GLY B 367 -9.26 -16.70 -1.12
N LYS B 368 -8.27 -16.17 -0.41
CA LYS B 368 -8.51 -15.13 0.56
C LYS B 368 -8.08 -13.77 0.07
N LEU B 369 -8.80 -12.73 0.52
CA LEU B 369 -8.42 -11.34 0.27
C LEU B 369 -7.70 -10.78 1.50
N ALA B 370 -6.54 -10.16 1.29
CA ALA B 370 -5.81 -9.50 2.37
C ALA B 370 -6.23 -8.04 2.44
N LEU B 371 -7.09 -7.72 3.41
CA LEU B 371 -7.69 -6.39 3.52
C LEU B 371 -7.31 -5.66 4.80
N GLY B 372 -6.19 -6.08 5.40
CA GLY B 372 -5.72 -5.47 6.65
C GLY B 372 -4.78 -4.29 6.46
N PRO B 373 -4.37 -3.67 7.58
CA PRO B 373 -3.39 -2.59 7.52
C PRO B 373 -1.96 -3.13 7.56
N MET B 374 -0.98 -2.25 7.33
CA MET B 374 0.40 -2.60 7.62
C MET B 374 0.49 -3.01 9.08
N HIS B 375 1.05 -4.20 9.34
CA HIS B 375 1.01 -4.79 10.67
C HIS B 375 2.28 -5.51 11.00
N GLY B 376 2.80 -5.28 12.20
CA GLY B 376 4.02 -5.94 12.66
C GLY B 376 5.30 -5.28 12.19
N LEU B 377 5.17 -4.18 11.46
CA LEU B 377 6.33 -3.43 10.98
C LEU B 377 6.75 -2.43 12.04
N ASP B 378 7.95 -2.62 12.59
CA ASP B 378 8.45 -1.78 13.69
C ASP B 378 8.42 -0.30 13.32
N LYS B 379 7.99 0.52 14.27
CA LYS B 379 7.77 1.94 14.01
C LYS B 379 9.04 2.79 14.02
N GLY B 380 10.17 2.15 14.29
CA GLY B 380 11.47 2.81 14.24
C GLY B 380 12.34 2.25 13.12
N LEU B 381 11.70 1.62 12.14
CA LEU B 381 12.40 0.94 11.06
C LEU B 381 13.16 1.89 10.14
N ASN B 382 12.76 3.16 10.13
CA ASN B 382 13.41 4.20 9.33
C ASN B 382 14.90 4.37 9.64
N GLN B 383 15.30 3.90 10.81
CA GLN B 383 16.69 3.96 11.25
C GLN B 383 17.61 3.13 10.35
N TYR B 384 17.09 2.05 9.78
CA TYR B 384 17.89 1.17 8.92
C TYR B 384 17.32 1.01 7.52
N VAL B 385 16.17 1.62 7.27
CA VAL B 385 15.47 1.48 5.99
C VAL B 385 15.16 2.86 5.42
N ASP B 386 15.51 3.07 4.16
CA ASP B 386 15.20 4.34 3.47
C ASP B 386 14.37 4.17 2.18
N PHE B 387 13.80 2.98 2.01
CA PHE B 387 13.10 2.57 0.79
C PHE B 387 12.07 1.49 1.16
N PHE B 388 10.79 1.79 0.98
CA PHE B 388 9.71 0.88 1.41
C PHE B 388 8.63 0.66 0.36
N THR B 389 8.41 -0.61 0.01
CA THR B 389 7.41 -0.99 -1.01
C THR B 389 6.60 -2.22 -0.61
N VAL B 390 5.33 -2.23 -0.98
CA VAL B 390 4.47 -3.42 -0.77
C VAL B 390 4.20 -4.16 -2.07
N ASN B 391 4.18 -5.49 -1.97
CA ASN B 391 3.68 -6.36 -3.04
C ASN B 391 2.17 -6.49 -2.85
N PRO B 392 1.38 -6.01 -3.82
CA PRO B 392 -0.08 -6.04 -3.74
C PRO B 392 -0.72 -7.32 -4.32
N MET B 393 -2.03 -7.40 -4.25
CA MET B 393 -2.80 -8.52 -4.79
C MET B 393 -2.97 -8.39 -6.29
N GLU B 394 -3.29 -9.49 -6.96
CA GLU B 394 -3.68 -9.41 -8.36
C GLU B 394 -4.98 -8.63 -8.54
N HIS B 395 -5.73 -8.46 -7.44
CA HIS B 395 -6.94 -7.60 -7.38
C HIS B 395 -6.57 -6.19 -7.00
N ALA B 396 -6.54 -5.31 -8.00
CA ALA B 396 -6.01 -3.95 -7.83
C ALA B 396 -6.84 -3.05 -6.94
N GLU B 397 -8.16 -3.08 -7.12
CA GLU B 397 -9.06 -2.18 -6.40
C GLU B 397 -9.05 -2.41 -4.89
N LEU B 398 -9.07 -3.68 -4.49
CA LEU B 398 -9.13 -4.00 -3.07
C LEU B 398 -7.77 -3.87 -2.40
N SER B 399 -6.71 -3.91 -3.20
CA SER B 399 -5.37 -3.67 -2.67
C SER B 399 -5.26 -2.27 -2.06
N LYS B 400 -6.09 -1.34 -2.52
CA LYS B 400 -6.06 0.04 -2.07
C LYS B 400 -6.21 0.22 -0.56
N ILE B 401 -6.99 -0.65 0.07
CA ILE B 401 -7.19 -0.61 1.51
C ILE B 401 -5.84 -0.72 2.22
N SER B 402 -5.09 -1.75 1.89
CA SER B 402 -3.81 -2.02 2.55
C SER B 402 -2.75 -0.98 2.18
N ILE B 403 -2.76 -0.54 0.92
CA ILE B 403 -1.81 0.43 0.39
C ILE B 403 -2.00 1.79 1.05
N HIS B 404 -3.25 2.18 1.27
CA HIS B 404 -3.63 3.41 1.97
C HIS B 404 -2.91 3.53 3.30
N THR B 405 -2.89 2.44 4.06
CA THR B 405 -2.21 2.40 5.35
C THR B 405 -0.69 2.39 5.20
N ALA B 406 -0.20 1.85 4.09
CA ALA B 406 1.23 1.86 3.77
C ALA B 406 1.72 3.28 3.47
N ALA B 407 0.83 4.09 2.89
CA ALA B 407 1.12 5.49 2.64
C ALA B 407 1.35 6.23 3.96
N ASP B 408 0.49 5.96 4.95
CA ASP B 408 0.58 6.60 6.27
C ASP B 408 1.77 6.11 7.07
N TYR B 409 2.04 4.81 7.02
CA TYR B 409 3.13 4.22 7.77
C TYR B 409 4.50 4.72 7.32
N SER B 410 4.70 4.83 6.01
CA SER B 410 6.01 5.18 5.48
C SER B 410 6.24 6.69 5.40
N TRP B 411 5.18 7.47 5.53
CA TRP B 411 5.29 8.93 5.52
C TRP B 411 5.45 9.49 6.91
N ASN B 412 4.60 9.03 7.84
CA ASN B 412 4.68 9.46 9.23
C ASN B 412 4.75 8.22 10.13
N MET B 413 5.95 7.66 10.23
CA MET B 413 6.15 6.34 10.82
C MET B 413 5.88 6.25 12.32
N ASP B 414 6.41 7.18 13.11
CA ASP B 414 6.29 7.08 14.56
C ASP B 414 4.89 7.42 15.08
N ASN B 415 4.06 8.01 14.23
CA ASN B 415 2.67 8.29 14.57
C ASN B 415 1.70 7.17 14.19
N TYR B 416 2.19 6.18 13.44
CA TYR B 416 1.33 5.15 12.83
C TYR B 416 0.58 4.24 13.81
N ASP B 417 -0.74 4.41 13.87
CA ASP B 417 -1.65 3.56 14.65
C ASP B 417 -2.43 2.68 13.66
N TYR B 418 -2.19 1.38 13.67
CA TYR B 418 -2.74 0.49 12.63
C TYR B 418 -4.27 0.40 12.58
N ASP B 419 -4.93 0.31 13.74
CA ASP B 419 -6.40 0.27 13.81
C ASP B 419 -7.00 1.58 13.27
N LYS B 420 -6.40 2.71 13.66
CA LYS B 420 -6.85 4.03 13.19
C LYS B 420 -6.60 4.25 11.70
N ALA B 421 -5.48 3.73 11.21
CA ALA B 421 -5.11 3.82 9.79
C ALA B 421 -6.05 2.98 8.95
N TRP B 422 -6.38 1.79 9.46
CA TRP B 422 -7.28 0.85 8.81
C TRP B 422 -8.68 1.41 8.70
N ASN B 423 -9.20 1.92 9.82
CA ASN B 423 -10.51 2.58 9.83
C ASN B 423 -10.58 3.78 8.89
N ARG B 424 -9.52 4.57 8.86
CA ARG B 424 -9.49 5.76 8.02
C ARG B 424 -9.45 5.37 6.55
N ALA B 425 -8.63 4.36 6.23
CA ALA B 425 -8.55 3.83 4.87
C ALA B 425 -9.94 3.52 4.30
N ILE B 426 -10.73 2.76 5.05
CA ILE B 426 -12.06 2.34 4.62
C ILE B 426 -13.05 3.52 4.60
N ASP B 427 -12.95 4.38 5.61
CA ASP B 427 -13.77 5.59 5.66
C ASP B 427 -13.57 6.46 4.43
N MET B 428 -12.32 6.58 3.98
CA MET B 428 -11.98 7.47 2.87
C MET B 428 -12.32 6.83 1.52
N LEU B 429 -12.08 5.53 1.38
CA LEU B 429 -12.36 4.83 0.13
C LEU B 429 -13.82 4.44 -0.11
N TYR B 430 -14.60 4.22 0.95
CA TYR B 430 -15.92 3.60 0.78
C TYR B 430 -17.14 4.48 1.03
N GLY B 431 -16.94 5.68 1.55
CA GLY B 431 -18.03 6.64 1.76
C GLY B 431 -19.20 6.07 2.54
N ASP B 432 -20.38 6.06 1.90
CA ASP B 432 -21.62 5.57 2.51
C ASP B 432 -21.56 4.12 3.00
N LEU B 433 -20.74 3.30 2.34
CA LEU B 433 -20.65 1.86 2.64
C LEU B 433 -19.49 1.50 3.58
N ALA B 434 -18.87 2.52 4.17
CA ALA B 434 -17.69 2.33 5.01
C ALA B 434 -17.95 1.44 6.23
N GLU B 435 -19.02 1.74 6.96
CA GLU B 435 -19.38 1.00 8.17
C GLU B 435 -19.56 -0.50 7.89
N ASP B 436 -20.26 -0.81 6.80
CA ASP B 436 -20.51 -2.19 6.40
C ASP B 436 -19.27 -2.87 5.84
N MET B 437 -18.47 -2.12 5.07
CA MET B 437 -17.23 -2.67 4.52
C MET B 437 -16.25 -3.04 5.64
N LYS B 438 -16.25 -2.26 6.71
CA LYS B 438 -15.45 -2.56 7.89
C LYS B 438 -15.85 -3.89 8.50
N VAL B 439 -17.15 -4.12 8.66
CA VAL B 439 -17.67 -5.38 9.20
C VAL B 439 -17.14 -6.58 8.41
N PHE B 440 -17.16 -6.46 7.08
CA PHE B 440 -16.69 -7.51 6.18
C PHE B 440 -15.17 -7.64 6.20
N ALA B 441 -14.47 -6.55 5.89
CA ALA B 441 -13.00 -6.55 5.86
C ALA B 441 -12.37 -6.99 7.18
N ASN B 442 -13.06 -6.68 8.28
CA ASN B 442 -12.63 -7.10 9.62
C ASN B 442 -12.33 -8.60 9.75
N HIS B 443 -13.00 -9.39 8.91
CA HIS B 443 -12.85 -10.86 8.91
C HIS B 443 -11.83 -11.35 7.92
N SER B 444 -11.23 -10.43 7.16
CA SER B 444 -10.33 -10.82 6.08
C SER B 444 -8.99 -10.05 6.12
N THR B 445 -8.28 -10.15 7.24
CA THR B 445 -7.01 -9.44 7.40
C THR B 445 -5.84 -10.38 7.57
N ARG B 446 -6.08 -11.53 8.19
CA ARG B 446 -5.04 -12.51 8.46
C ARG B 446 -4.80 -13.44 7.27
N MET B 447 -3.54 -13.64 6.91
CA MET B 447 -3.17 -14.58 5.85
C MET B 447 -2.35 -15.72 6.43
N ASP B 448 -2.76 -16.96 6.14
CA ASP B 448 -2.10 -18.15 6.65
C ASP B 448 -2.32 -19.35 5.71
N ASN B 449 -1.24 -19.82 5.08
CA ASN B 449 -1.32 -21.02 4.24
C ASN B 449 -0.95 -22.29 5.01
N LYS B 450 -0.95 -22.19 6.34
CA LYS B 450 -0.67 -23.30 7.26
C LYS B 450 0.77 -23.82 7.23
N THR B 451 1.54 -23.43 6.23
CA THR B 451 2.95 -23.83 6.15
C THR B 451 3.88 -22.63 6.36
N TRP B 452 4.50 -22.16 5.28
CA TRP B 452 5.58 -21.17 5.36
C TRP B 452 5.15 -19.71 5.38
N ALA B 453 3.91 -19.44 4.98
CA ALA B 453 3.43 -18.06 4.81
C ALA B 453 2.39 -17.63 5.84
N LYS B 454 2.79 -16.72 6.74
CA LYS B 454 1.91 -16.16 7.78
C LYS B 454 2.16 -14.65 7.84
N SER B 455 1.08 -13.85 7.86
CA SER B 455 1.19 -12.38 8.02
C SER B 455 -0.14 -11.67 8.15
N GLY B 456 -0.13 -10.52 8.83
CA GLY B 456 -1.29 -9.65 8.92
C GLY B 456 -1.97 -9.65 10.28
N ARG B 457 -2.71 -8.58 10.56
CA ARG B 457 -3.48 -8.47 11.81
C ARG B 457 -4.45 -9.63 11.90
N GLU B 458 -4.61 -10.19 13.09
CA GLU B 458 -5.53 -11.31 13.30
C GLU B 458 -6.97 -10.93 12.93
N ASP B 459 -7.74 -11.92 12.47
CA ASP B 459 -9.13 -11.71 12.05
C ASP B 459 -10.03 -11.37 13.24
N ALA B 460 -10.88 -10.36 13.04
CA ALA B 460 -11.89 -9.91 14.02
C ALA B 460 -11.59 -10.31 15.48
N PRO B 461 -10.56 -9.68 16.08
CA PRO B 461 -10.08 -10.11 17.40
C PRO B 461 -11.11 -9.95 18.52
N GLU B 462 -11.90 -8.87 18.49
CA GLU B 462 -12.94 -8.64 19.49
C GLU B 462 -13.97 -9.76 19.51
N LEU B 463 -14.34 -10.23 18.31
CA LEU B 463 -15.29 -11.32 18.17
C LEU B 463 -14.69 -12.66 18.61
N ARG B 464 -13.41 -12.88 18.30
CA ARG B 464 -12.69 -14.07 18.76
C ARG B 464 -12.67 -14.14 20.28
N ALA B 465 -12.46 -12.99 20.93
CA ALA B 465 -12.43 -12.91 22.39
C ALA B 465 -13.80 -13.27 22.99
N LYS B 466 -14.87 -12.78 22.38
CA LYS B 466 -16.23 -13.10 22.82
C LYS B 466 -16.58 -14.58 22.67
N MET B 467 -16.05 -15.20 21.61
CA MET B 467 -16.22 -16.64 21.39
C MET B 467 -15.50 -17.47 22.45
N ASP B 468 -14.26 -17.10 22.78
CA ASP B 468 -13.51 -17.77 23.83
C ASP B 468 -14.17 -17.59 25.20
N GLU B 469 -14.74 -16.40 25.43
CA GLU B 469 -15.45 -16.06 26.67
C GLU B 469 -16.70 -16.91 26.86
N LEU B 470 -17.34 -17.30 25.76
CA LEU B 470 -18.52 -18.16 25.81
C LEU B 470 -18.18 -19.58 26.28
N TRP B 471 -17.20 -20.22 25.63
CA TRP B 471 -16.79 -21.59 25.99
C TRP B 471 -16.34 -21.70 27.43
N ASN B 472 -15.68 -20.67 27.93
CA ASN B 472 -15.30 -20.58 29.35
C ASN B 472 -16.52 -20.52 30.28
N LYS B 473 -17.50 -19.70 29.89
CA LYS B 473 -18.73 -19.55 30.66
C LYS B 473 -19.58 -20.83 30.68
N LEU B 474 -19.57 -21.56 29.57
CA LEU B 474 -20.37 -22.79 29.44
C LEU B 474 -19.77 -23.96 30.20
N SER B 475 -18.47 -24.20 30.01
CA SER B 475 -17.79 -25.35 30.61
C SER B 475 -17.63 -25.21 32.12
N SER B 476 -17.76 -23.98 32.64
CA SER B 476 -17.78 -23.75 34.09
C SER B 476 -19.18 -23.33 34.55
N LYS B 477 -20.20 -23.73 33.79
CA LYS B 477 -21.62 -23.55 34.12
C LYS B 477 -22.06 -22.14 34.59
N GLU B 478 -21.37 -21.10 34.10
CA GLU B 478 -21.76 -19.71 34.37
C GLU B 478 -22.94 -19.32 33.47
N ASP B 479 -23.71 -18.33 33.90
CA ASP B 479 -24.83 -17.80 33.11
C ASP B 479 -24.31 -17.05 31.87
N ALA B 480 -24.87 -17.37 30.70
CA ALA B 480 -24.33 -16.89 29.43
C ALA B 480 -25.33 -16.18 28.51
N SER B 481 -26.60 -16.09 28.95
CA SER B 481 -27.67 -15.56 28.10
C SER B 481 -27.49 -14.09 27.67
N ALA B 482 -26.69 -13.35 28.44
CA ALA B 482 -26.34 -11.97 28.10
C ALA B 482 -25.38 -11.93 26.91
N LEU B 483 -24.42 -12.87 26.91
CA LEU B 483 -23.41 -12.99 25.86
C LEU B 483 -23.97 -13.62 24.58
N ILE B 484 -24.88 -14.59 24.76
CA ILE B 484 -25.53 -15.27 23.64
C ILE B 484 -26.37 -14.29 22.81
N GLU B 485 -27.18 -13.48 23.48
CA GLU B 485 -27.99 -12.45 22.81
C GLU B 485 -27.11 -11.40 22.12
N GLU B 486 -25.93 -11.14 22.70
CA GLU B 486 -24.96 -10.22 22.11
C GLU B 486 -24.34 -10.81 20.83
N LEU B 487 -24.05 -12.11 20.86
CA LEU B 487 -23.48 -12.81 19.69
C LEU B 487 -24.45 -12.99 18.54
N TYR B 488 -25.73 -13.22 18.84
CA TYR B 488 -26.78 -13.26 17.81
C TYR B 488 -26.79 -11.96 17.00
N GLY B 489 -26.66 -10.83 17.70
CA GLY B 489 -26.58 -9.53 17.06
C GLY B 489 -25.42 -9.39 16.10
N GLU B 490 -24.25 -9.88 16.52
CA GLU B 490 -23.03 -9.82 15.73
C GLU B 490 -23.16 -10.60 14.42
N PHE B 491 -23.63 -11.84 14.52
CA PHE B 491 -23.78 -12.70 13.36
C PHE B 491 -24.85 -12.18 12.39
N ALA B 492 -25.93 -11.63 12.94
CA ALA B 492 -26.97 -11.00 12.13
C ALA B 492 -26.42 -9.80 11.39
N ARG B 493 -25.61 -9.00 12.09
CA ARG B 493 -24.95 -7.82 11.53
C ARG B 493 -24.01 -8.20 10.38
N MET B 494 -23.24 -9.28 10.56
CA MET B 494 -22.37 -9.81 9.50
C MET B 494 -23.15 -10.12 8.24
N GLU B 495 -24.31 -10.75 8.40
CA GLU B 495 -25.19 -11.09 7.30
C GLU B 495 -25.78 -9.82 6.68
N GLU B 496 -26.36 -8.96 7.53
CA GLU B 496 -26.93 -7.68 7.08
C GLU B 496 -25.94 -6.84 6.29
N ALA B 497 -24.72 -6.73 6.81
CA ALA B 497 -23.66 -5.93 6.16
C ALA B 497 -23.28 -6.46 4.79
N CYS B 498 -22.99 -7.77 4.71
CA CYS B 498 -22.57 -8.40 3.45
C CYS B 498 -23.63 -8.34 2.36
N ASN B 499 -24.89 -8.47 2.76
CA ASN B 499 -26.01 -8.31 1.82
C ASN B 499 -26.11 -6.89 1.28
N ASN B 500 -25.86 -5.91 2.15
CA ASN B 500 -25.86 -4.52 1.74
C ASN B 500 -24.71 -4.20 0.77
N LEU B 501 -23.57 -4.85 0.98
CA LEU B 501 -22.43 -4.70 0.08
C LEU B 501 -22.73 -5.30 -1.29
N LYS B 502 -23.23 -6.53 -1.31
CA LYS B 502 -23.65 -7.20 -2.55
C LYS B 502 -24.61 -6.33 -3.36
N ALA B 503 -25.49 -5.63 -2.66
CA ALA B 503 -26.49 -4.78 -3.31
C ALA B 503 -25.95 -3.44 -3.80
N ASN B 504 -24.96 -2.88 -3.10
CA ASN B 504 -24.60 -1.46 -3.30
C ASN B 504 -23.16 -1.11 -3.70
N LEU B 505 -22.21 -2.02 -3.48
CA LEU B 505 -20.83 -1.81 -3.96
C LEU B 505 -20.81 -1.62 -5.47
N PRO B 506 -20.07 -0.61 -5.97
CA PRO B 506 -19.85 -0.46 -7.41
C PRO B 506 -19.11 -1.68 -7.99
N GLU B 507 -19.29 -1.95 -9.28
CA GLU B 507 -18.75 -3.15 -9.91
C GLU B 507 -17.25 -3.35 -9.68
N VAL B 508 -16.48 -2.27 -9.80
CA VAL B 508 -15.02 -2.33 -9.71
C VAL B 508 -14.52 -2.97 -8.41
N ALA B 509 -15.28 -2.77 -7.33
CA ALA B 509 -14.99 -3.39 -6.04
C ALA B 509 -15.70 -4.74 -5.88
N LEU B 510 -16.97 -4.81 -6.29
CA LEU B 510 -17.76 -6.03 -6.14
C LEU B 510 -17.20 -7.23 -6.91
N GLU B 511 -16.77 -7.00 -8.15
CA GLU B 511 -16.22 -8.06 -9.00
C GLU B 511 -14.92 -8.66 -8.46
N GLU B 512 -14.44 -8.11 -7.33
CA GLU B 512 -13.22 -8.60 -6.72
C GLU B 512 -13.46 -9.33 -5.39
N CYS B 513 -14.64 -9.17 -4.80
CA CYS B 513 -14.93 -9.76 -3.49
C CYS B 513 -16.26 -10.53 -3.34
N SER B 514 -17.05 -10.63 -4.41
CA SER B 514 -18.39 -11.23 -4.32
C SER B 514 -18.40 -12.66 -3.79
N ARG B 515 -17.42 -13.46 -4.20
CA ARG B 515 -17.32 -14.85 -3.73
C ARG B 515 -17.03 -14.93 -2.24
N GLN B 516 -16.28 -13.96 -1.73
CA GLN B 516 -15.92 -13.92 -0.32
C GLN B 516 -17.07 -13.37 0.52
N LEU B 517 -17.79 -12.40 -0.05
CA LEU B 517 -19.02 -11.89 0.56
C LEU B 517 -20.00 -13.03 0.80
N ASP B 518 -20.22 -13.84 -0.24
CA ASP B 518 -21.06 -15.04 -0.16
C ASP B 518 -20.58 -15.99 0.93
N GLU B 519 -19.27 -16.24 0.96
CA GLU B 519 -18.65 -17.11 1.96
C GLU B 519 -18.93 -16.66 3.39
N LEU B 520 -18.85 -15.35 3.65
CA LEU B 520 -19.09 -14.82 4.99
C LEU B 520 -20.56 -14.87 5.43
N ILE B 521 -21.50 -14.61 4.51
CA ILE B 521 -22.93 -14.74 4.81
C ILE B 521 -23.24 -16.18 5.28
N THR B 522 -22.68 -17.15 4.55
CA THR B 522 -22.81 -18.57 4.88
C THR B 522 -22.33 -18.88 6.30
N LEU B 523 -21.12 -18.41 6.62
CA LEU B 523 -20.52 -18.67 7.94
C LEU B 523 -21.31 -18.00 9.04
N ALA B 524 -21.80 -16.79 8.77
CA ALA B 524 -22.64 -16.06 9.72
C ALA B 524 -23.92 -16.84 10.02
N GLN B 525 -24.42 -17.57 9.02
CA GLN B 525 -25.57 -18.45 9.19
C GLN B 525 -25.22 -19.71 9.96
N GLY B 526 -24.02 -20.25 9.69
CA GLY B 526 -23.51 -21.40 10.42
C GLY B 526 -23.23 -21.10 11.88
N ASP B 527 -22.79 -19.88 12.14
CA ASP B 527 -22.56 -19.40 13.50
C ASP B 527 -23.87 -19.26 14.27
N LYS B 528 -24.89 -18.72 13.60
CA LYS B 528 -26.21 -18.52 14.21
C LYS B 528 -26.82 -19.85 14.64
N ALA B 529 -26.68 -20.88 13.81
CA ALA B 529 -27.14 -22.22 14.14
C ALA B 529 -26.27 -22.86 15.23
N SER B 530 -24.97 -22.54 15.23
CA SER B 530 -24.08 -22.98 16.30
C SER B 530 -24.58 -22.49 17.66
N LEU B 531 -25.03 -21.24 17.72
CA LEU B 531 -25.66 -20.70 18.92
C LEU B 531 -26.96 -21.43 19.24
N ASP B 532 -27.77 -21.68 18.20
CA ASP B 532 -29.01 -22.43 18.36
C ASP B 532 -28.75 -23.82 18.99
N MET B 533 -27.65 -24.45 18.58
CA MET B 533 -27.19 -25.72 19.18
C MET B 533 -26.86 -25.58 20.67
N ILE B 534 -26.25 -24.46 21.04
CA ILE B 534 -25.87 -24.18 22.42
C ILE B 534 -27.12 -23.95 23.29
N VAL B 535 -28.06 -23.16 22.75
CA VAL B 535 -29.31 -22.85 23.44
C VAL B 535 -30.17 -24.10 23.66
N ALA B 536 -30.33 -24.90 22.61
CA ALA B 536 -31.11 -26.14 22.67
C ALA B 536 -30.50 -27.18 23.63
N GLN B 537 -29.18 -27.25 23.66
CA GLN B 537 -28.46 -28.17 24.55
C GLN B 537 -28.66 -27.77 26.02
N LEU B 538 -28.68 -26.47 26.28
CA LEU B 538 -29.01 -25.96 27.62
C LEU B 538 -30.47 -26.25 27.96
N ASN B 539 -31.35 -26.11 26.97
CA ASN B 539 -32.78 -26.39 27.15
C ASN B 539 -33.12 -27.88 27.16
N GLU B 540 -32.11 -28.73 26.90
CA GLU B 540 -32.26 -30.19 26.79
C GLU B 540 -33.34 -30.61 25.77
N ASP B 541 -33.40 -29.86 24.67
CA ASP B 541 -34.36 -30.07 23.58
C ASP B 541 -33.62 -30.72 22.41
N THR B 542 -33.70 -32.04 22.30
CA THR B 542 -32.99 -32.80 21.26
C THR B 542 -33.52 -32.48 19.85
N GLU B 543 -34.81 -32.15 19.76
CA GLU B 543 -35.45 -31.82 18.49
C GLU B 543 -34.82 -30.58 17.86
N ALA B 544 -34.74 -29.49 18.62
CA ALA B 544 -34.14 -28.22 18.17
C ALA B 544 -32.63 -28.32 17.95
N TYR B 545 -31.98 -29.17 18.75
CA TYR B 545 -30.54 -29.41 18.64
C TYR B 545 -30.17 -30.06 17.31
N GLU B 546 -30.76 -31.23 17.02
CA GLU B 546 -30.47 -31.99 15.81
C GLU B 546 -30.81 -31.20 14.55
N SER B 547 -31.91 -30.44 14.62
CA SER B 547 -32.35 -29.56 13.54
C SER B 547 -31.34 -28.45 13.26
N ALA B 548 -30.83 -27.82 14.32
CA ALA B 548 -29.80 -26.79 14.20
C ALA B 548 -28.46 -27.37 13.78
N LYS B 549 -28.10 -28.54 14.31
CA LYS B 549 -26.84 -29.20 13.99
C LYS B 549 -26.69 -29.50 12.50
N GLU B 550 -27.77 -29.95 11.86
CA GLU B 550 -27.76 -30.20 10.42
C GLU B 550 -27.54 -28.91 9.62
N ILE B 551 -28.25 -27.85 10.01
CA ILE B 551 -28.08 -26.53 9.38
C ILE B 551 -26.62 -26.06 9.50
N ALA B 552 -26.05 -26.19 10.70
CA ALA B 552 -24.65 -25.84 10.95
C ALA B 552 -23.66 -26.63 10.08
N GLN B 553 -23.87 -27.94 9.95
CA GLN B 553 -23.00 -28.77 9.11
C GLN B 553 -23.14 -28.42 7.64
N ASN B 554 -24.36 -28.07 7.24
CA ASN B 554 -24.66 -27.67 5.86
C ASN B 554 -23.88 -26.41 5.46
N LYS B 555 -23.81 -25.44 6.37
CA LYS B 555 -23.04 -24.22 6.12
C LYS B 555 -21.53 -24.50 6.12
N LEU B 556 -21.05 -25.31 7.07
CA LEU B 556 -19.63 -25.64 7.14
C LEU B 556 -19.15 -26.41 5.90
N ASN B 557 -20.00 -27.28 5.37
CA ASN B 557 -19.68 -28.04 4.17
C ASN B 557 -19.55 -27.13 2.93
N THR B 558 -20.44 -26.15 2.83
CA THR B 558 -20.40 -25.15 1.76
C THR B 558 -19.06 -24.41 1.81
N ALA B 559 -18.67 -23.98 3.01
CA ALA B 559 -17.45 -23.20 3.20
C ALA B 559 -16.17 -23.99 2.93
N LEU B 560 -16.12 -25.23 3.40
CA LEU B 560 -14.92 -26.08 3.27
C LEU B 560 -14.61 -26.50 1.84
N SER B 561 -15.63 -26.54 0.98
CA SER B 561 -15.44 -26.98 -0.39
C SER B 561 -15.41 -25.82 -1.40
N SER B 562 -15.78 -24.62 -0.96
CA SER B 562 -15.76 -23.43 -1.82
C SER B 562 -14.35 -22.88 -1.99
N PHE B 563 -14.12 -22.26 -3.15
CA PHE B 563 -12.84 -21.60 -3.46
C PHE B 563 -12.51 -20.44 -2.51
N ALA B 564 -13.47 -19.53 -2.34
CA ALA B 564 -13.33 -18.40 -1.42
C ALA B 564 -12.98 -18.87 -0.02
N VAL B 565 -12.06 -18.16 0.63
CA VAL B 565 -11.64 -18.45 2.00
C VAL B 565 -11.72 -17.16 2.82
N ILE B 566 -12.34 -17.25 4.00
CA ILE B 566 -12.47 -16.09 4.89
C ILE B 566 -12.67 -16.51 6.35
N SER B 567 -12.14 -15.69 7.26
CA SER B 567 -12.35 -15.82 8.70
C SER B 567 -12.11 -17.24 9.24
N GLU B 568 -11.07 -17.90 8.74
CA GLU B 568 -10.75 -19.29 9.10
C GLU B 568 -10.78 -19.56 10.60
N LYS B 569 -10.01 -18.77 11.36
CA LYS B 569 -9.82 -19.00 12.80
C LYS B 569 -10.90 -18.39 13.69
N VAL B 570 -11.90 -17.73 13.09
CA VAL B 570 -12.97 -17.08 13.85
C VAL B 570 -14.37 -17.59 13.46
N ALA B 571 -14.95 -17.03 12.40
CA ALA B 571 -16.33 -17.36 12.00
C ALA B 571 -16.46 -18.83 11.56
N GLN B 572 -15.44 -19.34 10.87
CA GLN B 572 -15.40 -20.74 10.44
C GLN B 572 -15.10 -21.65 11.62
N SER B 573 -14.07 -21.32 12.37
CA SER B 573 -13.64 -22.14 13.50
C SER B 573 -14.72 -22.33 14.56
N PHE B 574 -15.57 -21.30 14.75
CA PHE B 574 -16.67 -21.36 15.72
C PHE B 574 -17.64 -22.50 15.45
N ILE B 575 -18.00 -22.69 14.18
CA ILE B 575 -18.86 -23.80 13.77
C ILE B 575 -18.18 -25.12 14.08
N GLN B 576 -16.92 -25.26 13.66
CA GLN B 576 -16.12 -26.46 13.95
C GLN B 576 -16.04 -26.76 15.45
N GLU B 577 -15.85 -25.72 16.24
CA GLU B 577 -15.82 -25.84 17.71
C GLU B 577 -17.14 -26.39 18.25
N ALA B 578 -18.26 -25.90 17.72
CA ALA B 578 -19.60 -26.29 18.17
C ALA B 578 -20.03 -27.71 17.78
N LEU B 579 -19.17 -28.43 17.06
CA LEU B 579 -19.49 -29.77 16.56
C LEU B 579 -18.66 -30.89 17.20
C1 NAG C . 8.12 -14.91 -3.70
C2 NAG C . 8.37 -13.78 -4.73
C3 NAG C . 7.13 -12.91 -5.02
C4 NAG C . 5.85 -13.54 -4.52
C5 NAG C . 5.98 -13.84 -3.04
C6 NAG C . 4.73 -14.56 -2.50
C7 NAG C . 9.81 -12.13 -3.45
C8 NAG C . 11.10 -11.35 -3.50
N2 NAG C . 9.55 -12.93 -4.49
O3 NAG C . 7.03 -12.66 -6.41
O4 NAG C . 4.77 -12.67 -4.73
O5 NAG C . 7.15 -14.58 -2.71
O6 NAG C . 4.47 -15.72 -3.25
O7 NAG C . 9.08 -11.99 -2.46
CD CD D . -15.34 31.61 16.43
CD CD E . 6.28 11.64 12.90
CD CD F . -10.55 32.99 10.78
CD CD G . -1.79 34.23 -11.41
CD CD H . 9.41 26.54 -9.65
CD CD I . 10.04 31.06 1.63
CD CD J . -6.66 37.00 11.41
CD CD K . 10.79 11.78 -8.06
CD CD L . 20.94 -12.78 -28.13
CD CD M . 18.81 6.40 -26.58
CD CD N . 18.75 4.13 -0.15
CD CD O . -0.85 -9.32 15.38
CD CD P . -10.22 -5.53 -10.69
CD CD Q . -15.21 -4.70 -14.53
CD CD R . -25.70 -1.77 7.09
#